data_5WMJ
# 
_entry.id   5WMJ 
# 
_audit_conform.dict_name       mmcif_pdbx.dic 
_audit_conform.dict_version    5.389 
_audit_conform.dict_location   http://mmcif.pdb.org/dictionaries/ascii/mmcif_pdbx.dic 
# 
loop_
_database_2.database_id 
_database_2.database_code 
_database_2.pdbx_database_accession 
_database_2.pdbx_DOI 
PDB   5WMJ         pdb_00005wmj 10.2210/pdb5wmj/pdb 
WWPDB D_1000229292 ?            ?                   
# 
loop_
_pdbx_audit_revision_history.ordinal 
_pdbx_audit_revision_history.data_content_type 
_pdbx_audit_revision_history.major_revision 
_pdbx_audit_revision_history.minor_revision 
_pdbx_audit_revision_history.revision_date 
1 'Structure model' 1 0 2018-03-28 
2 'Structure model' 1 1 2018-07-18 
3 'Structure model' 1 2 2019-11-06 
4 'Structure model' 1 3 2019-11-20 
5 'Structure model' 1 4 2024-03-13 
6 'Structure model' 1 5 2024-04-03 
# 
_pdbx_audit_revision_details.ordinal             1 
_pdbx_audit_revision_details.revision_ordinal    1 
_pdbx_audit_revision_details.data_content_type   'Structure model' 
_pdbx_audit_revision_details.provider            repository 
_pdbx_audit_revision_details.type                'Initial release' 
_pdbx_audit_revision_details.description         ? 
_pdbx_audit_revision_details.details             ? 
# 
loop_
_pdbx_audit_revision_group.ordinal 
_pdbx_audit_revision_group.revision_ordinal 
_pdbx_audit_revision_group.data_content_type 
_pdbx_audit_revision_group.group 
1 2 'Structure model' 'Data collection'            
2 2 'Structure model' 'Database references'        
3 3 'Structure model' 'Author supporting evidence' 
4 3 'Structure model' 'Data collection'            
5 4 'Structure model' 'Author supporting evidence' 
6 5 'Structure model' 'Data collection'            
7 5 'Structure model' 'Database references'        
8 6 'Structure model' 'Refinement description'     
# 
loop_
_pdbx_audit_revision_category.ordinal 
_pdbx_audit_revision_category.revision_ordinal 
_pdbx_audit_revision_category.data_content_type 
_pdbx_audit_revision_category.category 
1 2 'Structure model' citation                      
2 3 'Structure model' pdbx_audit_support            
3 4 'Structure model' pdbx_audit_support            
4 5 'Structure model' chem_comp_atom                
5 5 'Structure model' chem_comp_bond                
6 5 'Structure model' database_2                    
7 6 'Structure model' pdbx_initial_refinement_model 
# 
loop_
_pdbx_audit_revision_item.ordinal 
_pdbx_audit_revision_item.revision_ordinal 
_pdbx_audit_revision_item.data_content_type 
_pdbx_audit_revision_item.item 
1 2 'Structure model' '_citation.journal_volume'                 
2 2 'Structure model' '_citation.page_first'                     
3 2 'Structure model' '_citation.page_last'                      
4 3 'Structure model' '_pdbx_audit_support.funding_organization' 
5 3 'Structure model' '_pdbx_audit_support.grant_number'         
6 4 'Structure model' '_pdbx_audit_support.funding_organization' 
7 5 'Structure model' '_database_2.pdbx_DOI'                     
8 5 'Structure model' '_database_2.pdbx_database_accession'      
# 
_pdbx_database_status.status_code                     REL 
_pdbx_database_status.status_code_sf                  REL 
_pdbx_database_status.status_code_mr                  ? 
_pdbx_database_status.entry_id                        5WMJ 
_pdbx_database_status.recvd_initial_deposition_date   2017-07-28 
_pdbx_database_status.SG_entry                        N 
_pdbx_database_status.deposit_site                    RCSB 
_pdbx_database_status.process_site                    RCSB 
_pdbx_database_status.status_code_cs                  ? 
_pdbx_database_status.methods_development_category    ? 
_pdbx_database_status.pdb_format_compatible           Y 
_pdbx_database_status.status_code_nmr_data            ? 
# 
loop_
_audit_author.name 
_audit_author.pdbx_ordinal 
_audit_author.identifier_ORCID 
'Sangwan, S.'   1 ? 
'Sawaya, M.'    2 ? 
'Eisenberg, D.' 3 ? 
# 
_citation.abstract                  ? 
_citation.abstract_id_CAS           ? 
_citation.book_id_ISBN              ? 
_citation.book_publisher            ? 
_citation.book_publisher_city       ? 
_citation.book_title                ? 
_citation.coordinate_linkage        ? 
_citation.country                   US 
_citation.database_id_Medline       ? 
_citation.details                   ? 
_citation.id                        primary 
_citation.journal_abbrev            'Protein Sci.' 
_citation.journal_id_ASTM           PRCIEI 
_citation.journal_id_CSD            0795 
_citation.journal_id_ISSN           1469-896X 
_citation.journal_full              ? 
_citation.journal_issue             ? 
_citation.journal_volume            27 
_citation.language                  ? 
_citation.page_first                1231 
_citation.page_last                 1242 
_citation.title                     'Atomic structures of corkscrew-forming segments of SOD1 reveal varied oligomer conformations.' 
_citation.year                      2018 
_citation.database_id_CSD           ? 
_citation.pdbx_database_id_DOI      10.1002/pro.3391 
_citation.pdbx_database_id_PubMed   29453800 
_citation.unpublished_flag          ? 
# 
loop_
_citation_author.citation_id 
_citation_author.name 
_citation_author.ordinal 
_citation_author.identifier_ORCID 
primary 'Sangwan, S.'     1 ? 
primary 'Sawaya, M.R.'    2 ? 
primary 'Murray, K.A.'    3 ? 
primary 'Hughes, M.P.'    4 ? 
primary 'Eisenberg, D.S.' 5 ? 
# 
loop_
_entity.id 
_entity.type 
_entity.src_method 
_entity.pdbx_description 
_entity.formula_weight 
_entity.pdbx_number_of_molecules 
_entity.pdbx_ec 
_entity.pdbx_mutation 
_entity.pdbx_fragment 
_entity.details 
1 polymer     syn 'Superoxide dismutase [Cu-Zn]' 689.823 2 1.15.1.1 ? 'UNP residues 31-36' ? 
2 non-polymer syn 'trifluoroacetic acid'         114.023 1 ?        ? ?                    ? 
3 water       nat water                          18.015  6 ?        ? ?                    ? 
# 
_entity_name_com.entity_id   1 
_entity_name_com.name        'Superoxide dismutase 1,hSod1' 
# 
_entity_poly.entity_id                      1 
_entity_poly.type                           'polypeptide(L)' 
_entity_poly.nstd_linkage                   no 
_entity_poly.nstd_monomer                   no 
_entity_poly.pdbx_seq_one_letter_code       KVWGSI 
_entity_poly.pdbx_seq_one_letter_code_can   KVWGSI 
_entity_poly.pdbx_strand_id                 A,B 
_entity_poly.pdbx_target_identifier         ? 
# 
loop_
_pdbx_entity_nonpoly.entity_id 
_pdbx_entity_nonpoly.name 
_pdbx_entity_nonpoly.comp_id 
2 'trifluoroacetic acid' TFA 
3 water                  HOH 
# 
loop_
_entity_poly_seq.entity_id 
_entity_poly_seq.num 
_entity_poly_seq.mon_id 
_entity_poly_seq.hetero 
1 1 LYS n 
1 2 VAL n 
1 3 TRP n 
1 4 GLY n 
1 5 SER n 
1 6 ILE n 
# 
_pdbx_entity_src_syn.entity_id              1 
_pdbx_entity_src_syn.pdbx_src_id            1 
_pdbx_entity_src_syn.pdbx_alt_source_flag   sample 
_pdbx_entity_src_syn.pdbx_beg_seq_num       1 
_pdbx_entity_src_syn.pdbx_end_seq_num       6 
_pdbx_entity_src_syn.organism_scientific    'Homo sapiens' 
_pdbx_entity_src_syn.organism_common_name   Human 
_pdbx_entity_src_syn.ncbi_taxonomy_id       9606 
_pdbx_entity_src_syn.details                ? 
# 
loop_
_chem_comp.id 
_chem_comp.type 
_chem_comp.mon_nstd_flag 
_chem_comp.name 
_chem_comp.pdbx_synonyms 
_chem_comp.formula 
_chem_comp.formula_weight 
GLY 'peptide linking'   y GLYCINE                ? 'C2 H5 N O2'     75.067  
HOH non-polymer         . WATER                  ? 'H2 O'           18.015  
ILE 'L-peptide linking' y ISOLEUCINE             ? 'C6 H13 N O2'    131.173 
LYS 'L-peptide linking' y LYSINE                 ? 'C6 H15 N2 O2 1' 147.195 
SER 'L-peptide linking' y SERINE                 ? 'C3 H7 N O3'     105.093 
TFA non-polymer         . 'trifluoroacetic acid' ? 'C2 H F3 O2'     114.023 
TRP 'L-peptide linking' y TRYPTOPHAN             ? 'C11 H12 N2 O2'  204.225 
VAL 'L-peptide linking' y VALINE                 ? 'C5 H11 N O2'    117.146 
# 
loop_
_pdbx_poly_seq_scheme.asym_id 
_pdbx_poly_seq_scheme.entity_id 
_pdbx_poly_seq_scheme.seq_id 
_pdbx_poly_seq_scheme.mon_id 
_pdbx_poly_seq_scheme.ndb_seq_num 
_pdbx_poly_seq_scheme.pdb_seq_num 
_pdbx_poly_seq_scheme.auth_seq_num 
_pdbx_poly_seq_scheme.pdb_mon_id 
_pdbx_poly_seq_scheme.auth_mon_id 
_pdbx_poly_seq_scheme.pdb_strand_id 
_pdbx_poly_seq_scheme.pdb_ins_code 
_pdbx_poly_seq_scheme.hetero 
A 1 1 LYS 1 1 1 LYS LYS A . n 
A 1 2 VAL 2 2 2 VAL VAL A . n 
A 1 3 TRP 3 3 3 TRP TRP A . n 
A 1 4 GLY 4 4 4 GLY GLY A . n 
A 1 5 SER 5 5 5 SER SER A . n 
A 1 6 ILE 6 6 6 ILE ILE A . n 
B 1 1 LYS 1 1 1 LYS LYS B . n 
B 1 2 VAL 2 2 2 VAL VAL B . n 
B 1 3 TRP 3 3 3 TRP TRP B . n 
B 1 4 GLY 4 4 4 GLY GLY B . n 
B 1 5 SER 5 5 5 SER SER B . n 
B 1 6 ILE 6 6 6 ILE ILE B . n 
# 
loop_
_pdbx_nonpoly_scheme.asym_id 
_pdbx_nonpoly_scheme.entity_id 
_pdbx_nonpoly_scheme.mon_id 
_pdbx_nonpoly_scheme.ndb_seq_num 
_pdbx_nonpoly_scheme.pdb_seq_num 
_pdbx_nonpoly_scheme.auth_seq_num 
_pdbx_nonpoly_scheme.pdb_mon_id 
_pdbx_nonpoly_scheme.auth_mon_id 
_pdbx_nonpoly_scheme.pdb_strand_id 
_pdbx_nonpoly_scheme.pdb_ins_code 
C 2 TFA 1 101 101 TFA TFA B . 
D 3 HOH 1 101 102 HOH HOH A . 
D 3 HOH 2 102 101 HOH HOH A . 
E 3 HOH 1 201 201 HOH HOH B . 
E 3 HOH 2 202 203 HOH HOH B . 
E 3 HOH 3 203 202 HOH HOH B . 
E 3 HOH 4 204 204 HOH HOH B . 
# 
loop_
_software.citation_id 
_software.classification 
_software.compiler_name 
_software.compiler_version 
_software.contact_author 
_software.contact_author_email 
_software.date 
_software.description 
_software.dependencies 
_software.hardware 
_software.language 
_software.location 
_software.mods 
_software.name 
_software.os 
_software.os_version 
_software.type 
_software.version 
_software.pdbx_ordinal 
? refinement       ? ? ? ? ? ? ? ? ? ? ? REFMAC    ? ? ? .      1 
? 'data reduction' ? ? ? ? ? ? ? ? ? ? ? DENZO     ? ? ? .      2 
? 'data scaling'   ? ? ? ? ? ? ? ? ? ? ? SCALEPACK ? ? ? 1.98.7 3 
? phasing          ? ? ? ? ? ? ? ? ? ? ? PHASER    ? ? ? 2.52   4 
# 
_cell.length_a           9.518 
_cell.length_b           20.282 
_cell.length_c           44.249 
_cell.angle_alpha        90.000 
_cell.angle_beta         90.000 
_cell.angle_gamma        90.000 
_cell.entry_id           5WMJ 
_cell.Z_PDB              8 
_cell.pdbx_unique_axis   ? 
# 
_symmetry.space_group_name_H-M             'P 21 21 21' 
_symmetry.entry_id                         5WMJ 
_symmetry.Int_Tables_number                19 
_symmetry.pdbx_full_space_group_name_H-M   ? 
_symmetry.cell_setting                     ? 
# 
_exptl.absorpt_coefficient_mu     ? 
_exptl.absorpt_correction_T_max   ? 
_exptl.absorpt_correction_T_min   ? 
_exptl.absorpt_correction_type    ? 
_exptl.absorpt_process_details    ? 
_exptl.entry_id                   5WMJ 
_exptl.crystals_number            1 
_exptl.details                    ? 
_exptl.method                     'X-RAY DIFFRACTION' 
_exptl.method_details             ? 
# 
_exptl_crystal.colour                      ? 
_exptl_crystal.density_diffrn              ? 
_exptl_crystal.density_Matthews            1.55 
_exptl_crystal.density_method              ? 
_exptl_crystal.density_percent_sol         20.54 
_exptl_crystal.description                 ? 
_exptl_crystal.F_000                       ? 
_exptl_crystal.id                          1 
_exptl_crystal.preparation                 ? 
_exptl_crystal.size_max                    ? 
_exptl_crystal.size_mid                    ? 
_exptl_crystal.size_min                    ? 
_exptl_crystal.size_rad                    ? 
_exptl_crystal.colour_lustre               ? 
_exptl_crystal.colour_modifier             ? 
_exptl_crystal.colour_primary              ? 
_exptl_crystal.density_meas                ? 
_exptl_crystal.density_meas_esd            ? 
_exptl_crystal.density_meas_gt             ? 
_exptl_crystal.density_meas_lt             ? 
_exptl_crystal.density_meas_temp           ? 
_exptl_crystal.density_meas_temp_esd       ? 
_exptl_crystal.density_meas_temp_gt        ? 
_exptl_crystal.density_meas_temp_lt        ? 
_exptl_crystal.pdbx_crystal_image_url      ? 
_exptl_crystal.pdbx_crystal_image_format   ? 
_exptl_crystal.pdbx_mosaicity              ? 
_exptl_crystal.pdbx_mosaicity_esd          ? 
# 
_exptl_crystal_grow.apparatus       ? 
_exptl_crystal_grow.atmosphere      ? 
_exptl_crystal_grow.crystal_id      1 
_exptl_crystal_grow.details         ? 
_exptl_crystal_grow.method          'VAPOR DIFFUSION, HANGING DROP' 
_exptl_crystal_grow.method_ref      ? 
_exptl_crystal_grow.pH              7 
_exptl_crystal_grow.pressure        ? 
_exptl_crystal_grow.pressure_esd    ? 
_exptl_crystal_grow.seeding         ? 
_exptl_crystal_grow.seeding_ref     ? 
_exptl_crystal_grow.temp            298 
_exptl_crystal_grow.temp_details    ? 
_exptl_crystal_grow.temp_esd        ? 
_exptl_crystal_grow.time            ? 
_exptl_crystal_grow.pdbx_details    'Reservoir solution contained 4M Sodium Formate' 
_exptl_crystal_grow.pdbx_pH_range   ? 
# 
_diffrn.ambient_environment    ? 
_diffrn.ambient_temp           298 
_diffrn.ambient_temp_details   ? 
_diffrn.ambient_temp_esd       ? 
_diffrn.crystal_id             1 
_diffrn.crystal_support        ? 
_diffrn.crystal_treatment      ? 
_diffrn.details                ? 
_diffrn.id                     1 
_diffrn.ambient_pressure       ? 
_diffrn.ambient_pressure_esd   ? 
_diffrn.ambient_pressure_gt    ? 
_diffrn.ambient_pressure_lt    ? 
_diffrn.ambient_temp_gt        ? 
_diffrn.ambient_temp_lt        ? 
# 
_diffrn_detector.details                      ? 
_diffrn_detector.detector                     CCD 
_diffrn_detector.diffrn_id                    1 
_diffrn_detector.type                         'ADSC QUANTUM 315' 
_diffrn_detector.area_resol_mean              ? 
_diffrn_detector.dtime                        ? 
_diffrn_detector.pdbx_frames_total            ? 
_diffrn_detector.pdbx_collection_time_total   ? 
_diffrn_detector.pdbx_collection_date         2013-06-06 
# 
_diffrn_radiation.collimation                      ? 
_diffrn_radiation.diffrn_id                        1 
_diffrn_radiation.filter_edge                      ? 
_diffrn_radiation.inhomogeneity                    ? 
_diffrn_radiation.monochromator                    ? 
_diffrn_radiation.polarisn_norm                    ? 
_diffrn_radiation.polarisn_ratio                   ? 
_diffrn_radiation.probe                            ? 
_diffrn_radiation.type                             ? 
_diffrn_radiation.xray_symbol                      ? 
_diffrn_radiation.wavelength_id                    1 
_diffrn_radiation.pdbx_monochromatic_or_laue_m_l   M 
_diffrn_radiation.pdbx_wavelength_list             ? 
_diffrn_radiation.pdbx_wavelength                  ? 
_diffrn_radiation.pdbx_diffrn_protocol             'SINGLE WAVELENGTH' 
_diffrn_radiation.pdbx_analyzer                    ? 
_diffrn_radiation.pdbx_scattering_type             x-ray 
# 
_diffrn_radiation_wavelength.id           1 
_diffrn_radiation_wavelength.wavelength   0.9791 
_diffrn_radiation_wavelength.wt           1.0 
# 
_diffrn_source.current                     ? 
_diffrn_source.details                     ? 
_diffrn_source.diffrn_id                   1 
_diffrn_source.power                       ? 
_diffrn_source.size                        ? 
_diffrn_source.source                      SYNCHROTRON 
_diffrn_source.target                      ? 
_diffrn_source.type                        'APS BEAMLINE 24-ID-E' 
_diffrn_source.voltage                     ? 
_diffrn_source.take-off_angle              ? 
_diffrn_source.pdbx_wavelength_list        0.9791 
_diffrn_source.pdbx_wavelength             ? 
_diffrn_source.pdbx_synchrotron_beamline   24-ID-E 
_diffrn_source.pdbx_synchrotron_site       APS 
# 
_reflns.entry_id                     5WMJ 
_reflns.pdbx_diffrn_id               1 
_reflns.pdbx_ordinal                 1 
_reflns.observed_criterion_sigma_I   ? 
_reflns.observed_criterion_sigma_F   ? 
_reflns.d_resolution_low             100.000 
_reflns.d_resolution_high            1.400 
_reflns.number_obs                   1738 
_reflns.number_all                   ? 
_reflns.percent_possible_obs         89.600 
_reflns.pdbx_Rmerge_I_obs            0.166 
_reflns.pdbx_Rsym_value              ? 
_reflns.pdbx_netI_over_sigmaI        4.600 
_reflns.B_iso_Wilson_estimate        ? 
_reflns.pdbx_redundancy              6.700 
_reflns.pdbx_Rrim_I_all              ? 
_reflns.pdbx_Rpim_I_all              ? 
_reflns.pdbx_CC_half                 ? 
_reflns.pdbx_netI_over_av_sigmaI     ? 
_reflns.pdbx_number_measured_all     11623 
_reflns.pdbx_scaling_rejects         ? 
_reflns.pdbx_chi_squared             1.012 
_reflns.Rmerge_F_all                 ? 
_reflns.Rmerge_F_obs                 ? 
_reflns.observed_criterion_F_max     ? 
_reflns.observed_criterion_F_min     ? 
_reflns.observed_criterion_I_max     ? 
_reflns.observed_criterion_I_min     ? 
_reflns.pdbx_d_res_high_opt          ? 
_reflns.pdbx_d_res_low_opt           ? 
_reflns.details                      ? 
# 
loop_
_reflns_shell.pdbx_diffrn_id 
_reflns_shell.pdbx_ordinal 
_reflns_shell.d_res_high 
_reflns_shell.d_res_low 
_reflns_shell.number_measured_obs 
_reflns_shell.number_measured_all 
_reflns_shell.number_unique_obs 
_reflns_shell.pdbx_rejects 
_reflns_shell.Rmerge_I_obs 
_reflns_shell.meanI_over_sigI_obs 
_reflns_shell.pdbx_Rsym_value 
_reflns_shell.pdbx_chi_squared 
_reflns_shell.pdbx_redundancy 
_reflns_shell.percent_possible_obs 
_reflns_shell.pdbx_netI_over_sigmaI_obs 
_reflns_shell.number_possible 
_reflns_shell.number_unique_all 
_reflns_shell.Rmerge_F_all 
_reflns_shell.Rmerge_F_obs 
_reflns_shell.Rmerge_I_all 
_reflns_shell.meanI_over_sigI_all 
_reflns_shell.percent_possible_all 
_reflns_shell.pdbx_Rrim_I_all 
_reflns_shell.pdbx_Rpim_I_all 
_reflns_shell.pdbx_CC_half 
1 1  1.400 1.450   ? ? 132 ? 0.550 ? ? 0.986 3.100 ? ? ? ? ? ? ? ? 75.000 ? ? ? 
1 2  1.450 1.510   ? ? 141 ? 0.478 ? ? 0.705 3.000 ? ? ? ? ? ? ? ? 77.000 ? ? ? 
1 3  1.510 1.580   ? ? 168 ? 0.503 ? ? 0.873 5.000 ? ? ? ? ? ? ? ? 84.400 ? ? ? 
1 4  1.580 1.660   ? ? 165 ? 0.426 ? ? 0.816 6.100 ? ? ? ? ? ? ? ? 91.200 ? ? ? 
1 5  1.660 1.760   ? ? 170 ? 0.376 ? ? 0.732 6.200 ? ? ? ? ? ? ? ? 95.000 ? ? ? 
1 6  1.760 1.900   ? ? 182 ? 0.328 ? ? 0.853 8.000 ? ? ? ? ? ? ? ? 89.200 ? ? ? 
1 7  1.900 2.090   ? ? 173 ? 0.182 ? ? 1.093 9.000 ? ? ? ? ? ? ? ? 94.500 ? ? ? 
1 8  2.090 2.390   ? ? 187 ? 0.159 ? ? 1.147 8.600 ? ? ? ? ? ? ? ? 93.500 ? ? ? 
1 9  2.390 3.020   ? ? 193 ? 0.156 ? ? 1.092 8.400 ? ? ? ? ? ? ? ? 96.500 ? ? ? 
1 10 3.020 100.000 ? ? 227 ? 0.079 ? ? 1.282 7.200 ? ? ? ? ? ? ? ? 97.000 ? ? ? 
# 
_refine.entry_id                                 5WMJ 
_refine.pdbx_refine_id                           'X-RAY DIFFRACTION' 
_refine.ls_d_res_high                            1.4000 
_refine.ls_d_res_low                             22.1200 
_refine.pdbx_ls_sigma_F                          0.000 
_refine.pdbx_data_cutoff_high_absF               ? 
_refine.pdbx_data_cutoff_low_absF                ? 
_refine.ls_percent_reflns_obs                    89.3100 
_refine.ls_number_reflns_obs                     1564 
_refine.ls_number_reflns_all                     ? 
_refine.pdbx_ls_cross_valid_method               THROUGHOUT 
_refine.ls_matrix_type                           ? 
_refine.pdbx_R_Free_selection_details            RANDOM 
_refine.details                                  
'HYDROGENS HAVE BEEN ADDED IN THE RIDING POSITIONS U VALUES      : REFINED INDIVIDUALLY' 
_refine.ls_R_factor_all                          ? 
_refine.ls_R_factor_obs                          0.1706 
_refine.ls_R_factor_R_work                       0.1707 
_refine.ls_wR_factor_R_work                      0.1474 
_refine.ls_R_factor_R_free                       0.1698 
_refine.ls_wR_factor_R_free                      0.1566 
_refine.ls_percent_reflns_R_free                 9.1000 
_refine.ls_number_reflns_R_free                  157 
_refine.ls_number_reflns_R_work                  ? 
_refine.ls_R_factor_R_free_error                 ? 
_refine.B_iso_mean                               5.3990 
_refine.solvent_model_param_bsol                 ? 
_refine.solvent_model_param_ksol                 ? 
_refine.pdbx_isotropic_thermal_model             ? 
_refine.aniso_B[1][1]                            0.0100 
_refine.aniso_B[2][2]                            0.3400 
_refine.aniso_B[3][3]                            -0.3500 
_refine.aniso_B[1][2]                            0.0000 
_refine.aniso_B[1][3]                            -0.0000 
_refine.aniso_B[2][3]                            -0.0000 
_refine.correlation_coeff_Fo_to_Fc               0.9700 
_refine.correlation_coeff_Fo_to_Fc_free          0.9710 
_refine.overall_SU_R_Cruickshank_DPI             0.0866 
_refine.pdbx_overall_SU_R_free_Cruickshank_DPI   ? 
_refine.pdbx_overall_SU_R_Blow_DPI               ? 
_refine.pdbx_overall_SU_R_free_Blow_DPI          ? 
_refine.overall_SU_R_free                        0.0714 
_refine.pdbx_overall_ESU_R                       0.0870 
_refine.pdbx_overall_ESU_R_Free                  0.0710 
_refine.overall_SU_ML                            0.0470 
_refine.overall_SU_B                             1.2600 
_refine.solvent_model_details                    MASK 
_refine.pdbx_solvent_vdw_probe_radii             1.2000 
_refine.pdbx_solvent_ion_probe_radii             0.8000 
_refine.pdbx_solvent_shrinkage_radii             0.8000 
_refine.ls_number_parameters                     ? 
_refine.ls_number_restraints                     ? 
_refine.pdbx_starting_model                      '2 ANTI-PARALLEL BETA STRANDS' 
_refine.pdbx_method_to_determine_struct          'MOLECULAR REPLACEMENT' 
_refine.pdbx_stereochemistry_target_values       'MAXIMUM LIKELIHOOD' 
_refine.pdbx_stereochem_target_val_spec_case     ? 
_refine.overall_FOM_work_R_set                   0.8693 
_refine.B_iso_max                                26.040 
_refine.B_iso_min                                2.080 
_refine.pdbx_overall_phase_error                 ? 
_refine.occupancy_max                            ? 
_refine.occupancy_min                            ? 
_refine.pdbx_diffrn_id                           1 
_refine.pdbx_TLS_residual_ADP_flag               ? 
_refine.pdbx_ls_sigma_I                          ? 
_refine.pdbx_data_cutoff_high_rms_absF           ? 
_refine.ls_R_factor_R_free_error_details         ? 
# 
_refine_hist.cycle_id                         final 
_refine_hist.pdbx_refine_id                   'X-RAY DIFFRACTION' 
_refine_hist.d_res_high                       1.4000 
_refine_hist.d_res_low                        22.1200 
_refine_hist.pdbx_number_atoms_ligand         7 
_refine_hist.number_atoms_solvent             7 
_refine_hist.number_atoms_total               112 
_refine_hist.pdbx_number_residues_total       12 
_refine_hist.pdbx_B_iso_mean_ligand           12.58 
_refine_hist.pdbx_B_iso_mean_solvent          17.75 
_refine_hist.pdbx_number_atoms_protein        98 
_refine_hist.pdbx_number_atoms_nucleic_acid   0 
# 
loop_
_refine_ls_restr.pdbx_refine_id 
_refine_ls_restr.type 
_refine_ls_restr.number 
_refine_ls_restr.dev_ideal 
_refine_ls_restr.dev_ideal_target 
_refine_ls_restr.weight 
_refine_ls_restr.pdbx_restraint_function 
'X-RAY DIFFRACTION' r_bond_refined_d       120 0.020 0.020  ? ? 
'X-RAY DIFFRACTION' r_bond_other_d         111 0.001 0.020  ? ? 
'X-RAY DIFFRACTION' r_angle_refined_deg    165 2.002 1.913  ? ? 
'X-RAY DIFFRACTION' r_angle_other_deg      253 0.629 3.000  ? ? 
'X-RAY DIFFRACTION' r_dihedral_angle_1_deg 12  5.078 5.000  ? ? 
'X-RAY DIFFRACTION' r_dihedral_angle_2_deg 3   6.210 20.000 ? ? 
'X-RAY DIFFRACTION' r_dihedral_angle_3_deg 19  9.800 15.000 ? ? 
'X-RAY DIFFRACTION' r_chiral_restr         16  0.196 0.200  ? ? 
'X-RAY DIFFRACTION' r_gen_planes_refined   119 0.013 0.020  ? ? 
'X-RAY DIFFRACTION' r_gen_planes_other     29  0.000 0.020  ? ? 
# 
_refine_ls_shell.d_res_high                       1.3980 
_refine_ls_shell.d_res_low                        1.4340 
_refine_ls_shell.pdbx_total_number_of_bins_used   20 
_refine_ls_shell.percent_reflns_obs               64.5700 
_refine_ls_shell.number_reflns_R_work             77 
_refine_ls_shell.R_factor_all                     ? 
_refine_ls_shell.R_factor_R_work                  0.2800 
_refine_ls_shell.R_factor_R_free                  0.2530 
_refine_ls_shell.percent_reflns_R_free            ? 
_refine_ls_shell.number_reflns_R_free             5 
_refine_ls_shell.R_factor_R_free_error            0.0000 
_refine_ls_shell.number_reflns_all                82 
_refine_ls_shell.number_reflns_obs                ? 
_refine_ls_shell.pdbx_refine_id                   'X-RAY DIFFRACTION' 
_refine_ls_shell.R_factor_obs                     ? 
# 
_struct.entry_id                     5WMJ 
_struct.title                        'KVWGSI segment from Superoxide Dismutase 1,residues 30-35' 
_struct.pdbx_model_details           ? 
_struct.pdbx_formula_weight          ? 
_struct.pdbx_formula_weight_method   ? 
_struct.pdbx_model_type_details      ? 
_struct.pdbx_CASP_flag               N 
# 
_struct_keywords.entry_id        5WMJ 
_struct_keywords.text            'Amyloid Fibril, PROTEIN FIBRIL' 
_struct_keywords.pdbx_keywords   'PROTEIN FIBRIL' 
# 
loop_
_struct_asym.id 
_struct_asym.pdbx_blank_PDB_chainid_flag 
_struct_asym.pdbx_modified 
_struct_asym.entity_id 
_struct_asym.details 
A N N 1 ? 
B N N 1 ? 
C N N 2 ? 
D N N 3 ? 
E N N 3 ? 
# 
_struct_ref.id                         1 
_struct_ref.db_name                    UNP 
_struct_ref.db_code                    SODC_HUMAN 
_struct_ref.pdbx_db_accession          P00441 
_struct_ref.pdbx_db_isoform            ? 
_struct_ref.entity_id                  1 
_struct_ref.pdbx_seq_one_letter_code   KVWGSI 
_struct_ref.pdbx_align_begin           31 
# 
loop_
_struct_ref_seq.align_id 
_struct_ref_seq.ref_id 
_struct_ref_seq.pdbx_PDB_id_code 
_struct_ref_seq.pdbx_strand_id 
_struct_ref_seq.seq_align_beg 
_struct_ref_seq.pdbx_seq_align_beg_ins_code 
_struct_ref_seq.seq_align_end 
_struct_ref_seq.pdbx_seq_align_end_ins_code 
_struct_ref_seq.pdbx_db_accession 
_struct_ref_seq.db_align_beg 
_struct_ref_seq.pdbx_db_align_beg_ins_code 
_struct_ref_seq.db_align_end 
_struct_ref_seq.pdbx_db_align_end_ins_code 
_struct_ref_seq.pdbx_auth_seq_align_beg 
_struct_ref_seq.pdbx_auth_seq_align_end 
1 1 5WMJ A 1 ? 6 ? P00441 31 ? 36 ? 1 6 
2 1 5WMJ B 1 ? 6 ? P00441 31 ? 36 ? 1 6 
# 
_pdbx_struct_assembly.id                   1 
_pdbx_struct_assembly.details              author_defined_assembly 
_pdbx_struct_assembly.method_details       ? 
_pdbx_struct_assembly.oligomeric_details   octameric 
_pdbx_struct_assembly.oligomeric_count     8 
# 
loop_
_pdbx_struct_assembly_gen.assembly_id 
_pdbx_struct_assembly_gen.oper_expression 
_pdbx_struct_assembly_gen.asym_id_list 
1 1,2,3,4 A,D   
1 1,2,5,6 B,C,E 
# 
_pdbx_struct_assembly_auth_evidence.id                     1 
_pdbx_struct_assembly_auth_evidence.assembly_id            1 
_pdbx_struct_assembly_auth_evidence.experimental_support   none 
_pdbx_struct_assembly_auth_evidence.details                ? 
# 
loop_
_pdbx_struct_oper_list.id 
_pdbx_struct_oper_list.type 
_pdbx_struct_oper_list.name 
_pdbx_struct_oper_list.symmetry_operation 
_pdbx_struct_oper_list.matrix[1][1] 
_pdbx_struct_oper_list.matrix[1][2] 
_pdbx_struct_oper_list.matrix[1][3] 
_pdbx_struct_oper_list.vector[1] 
_pdbx_struct_oper_list.matrix[2][1] 
_pdbx_struct_oper_list.matrix[2][2] 
_pdbx_struct_oper_list.matrix[2][3] 
_pdbx_struct_oper_list.vector[2] 
_pdbx_struct_oper_list.matrix[3][1] 
_pdbx_struct_oper_list.matrix[3][2] 
_pdbx_struct_oper_list.matrix[3][3] 
_pdbx_struct_oper_list.vector[3] 
1 'identity operation'         1_555 x,y,z           1.0000000000 0.0000000000 0.0000000000 0.0000000000  0.0000000000 1.0000000000  0.0000000000 0.0000000000  0.0000000000 0.0000000000 1.0000000000  0.0000000000  
2 'crystal symmetry operation' 1_655 x+1,y,z         1.0000000000 0.0000000000 0.0000000000 9.1648510743  0.0000000000 1.0000000000  0.0000000000 2.1089297370  0.0000000000 0.0000000000 1.0000000000  1.4663710818  
3 'crystal symmetry operation' 4_545 x+1/2,-y-1/2,-z 0.8543402246 0.4267034140 0.2966934060 3.3389357582  0.4267034140 -0.9018110047 0.0682723093 10.3816561349 0.2966934060 0.0682723093 -0.9525292198 -4.9093100667 
4 'crystal symmetry operation' 4_645 x+3/2,-y-1/2,-z 0.8543402246 0.4267034140 0.2966934060 12.5037868326 0.4267034140 -0.9018110047 0.0682723093 12.4905858719 0.2966934060 0.0682723093 -0.9525292198 -3.4429389849 
5 'crystal symmetry operation' 4_535 x+1/2,-y-3/2,-z 0.8543402246 0.4267034140 0.2966934060 5.5414664542  0.4267034140 -0.9018110047 0.0682723093 -6.6703051342 0.2966934060 0.0682723093 -0.9525292198 5.8488960761  
6 'crystal symmetry operation' 4_635 x+3/2,-y-3/2,-z 0.8543402246 0.4267034140 0.2966934060 14.7063175285 0.4267034140 -0.9018110047 0.0682723093 -4.5613753971 0.2966934060 0.0682723093 -0.9525292198 7.3152671579 
# 
_struct_site.id                   AC1 
_struct_site.pdbx_evidence_code   Software 
_struct_site.pdbx_auth_asym_id    B 
_struct_site.pdbx_auth_comp_id    TFA 
_struct_site.pdbx_auth_seq_id     101 
_struct_site.pdbx_auth_ins_code   ? 
_struct_site.pdbx_num_residues    12 
_struct_site.details              'binding site for residue TFA B 101' 
# 
loop_
_struct_site_gen.id 
_struct_site_gen.site_id 
_struct_site_gen.pdbx_num_res 
_struct_site_gen.label_comp_id 
_struct_site_gen.label_asym_id 
_struct_site_gen.label_seq_id 
_struct_site_gen.pdbx_auth_ins_code 
_struct_site_gen.auth_comp_id 
_struct_site_gen.auth_asym_id 
_struct_site_gen.auth_seq_id 
_struct_site_gen.label_atom_id 
_struct_site_gen.label_alt_id 
_struct_site_gen.symmetry 
_struct_site_gen.details 
1  AC1 12 LYS A 1 ? LYS A 1   . ? 1_455 ? 
2  AC1 12 LYS A 1 ? LYS A 1   . ? 1_555 ? 
3  AC1 12 VAL A 2 ? VAL A 2   . ? 1_455 ? 
4  AC1 12 TRP A 3 ? TRP A 3   . ? 1_555 ? 
5  AC1 12 TRP A 3 ? TRP A 3   . ? 1_455 ? 
6  AC1 12 GLY A 4 ? GLY A 4   . ? 4_445 ? 
7  AC1 12 SER A 5 ? SER A 5   . ? 4_445 ? 
8  AC1 12 ILE A 6 ? ILE A 6   . ? 4_445 ? 
9  AC1 12 HOH D . ? HOH A 101 . ? 1_555 ? 
10 AC1 12 VAL B 2 ? VAL B 2   . ? 4_435 ? 
11 AC1 12 SER B 5 ? SER B 5   . ? 1_555 ? 
12 AC1 12 HOH E . ? HOH B 203 . ? 1_555 ? 
# 
loop_
_chem_comp_atom.comp_id 
_chem_comp_atom.atom_id 
_chem_comp_atom.type_symbol 
_chem_comp_atom.pdbx_aromatic_flag 
_chem_comp_atom.pdbx_stereo_config 
_chem_comp_atom.pdbx_ordinal 
GLY N    N N N 1   
GLY CA   C N N 2   
GLY C    C N N 3   
GLY O    O N N 4   
GLY OXT  O N N 5   
GLY H    H N N 6   
GLY H2   H N N 7   
GLY HA2  H N N 8   
GLY HA3  H N N 9   
GLY HXT  H N N 10  
HOH O    O N N 11  
HOH H1   H N N 12  
HOH H2   H N N 13  
ILE N    N N N 14  
ILE CA   C N S 15  
ILE C    C N N 16  
ILE O    O N N 17  
ILE CB   C N S 18  
ILE CG1  C N N 19  
ILE CG2  C N N 20  
ILE CD1  C N N 21  
ILE OXT  O N N 22  
ILE H    H N N 23  
ILE H2   H N N 24  
ILE HA   H N N 25  
ILE HB   H N N 26  
ILE HG12 H N N 27  
ILE HG13 H N N 28  
ILE HG21 H N N 29  
ILE HG22 H N N 30  
ILE HG23 H N N 31  
ILE HD11 H N N 32  
ILE HD12 H N N 33  
ILE HD13 H N N 34  
ILE HXT  H N N 35  
LYS N    N N N 36  
LYS CA   C N S 37  
LYS C    C N N 38  
LYS O    O N N 39  
LYS CB   C N N 40  
LYS CG   C N N 41  
LYS CD   C N N 42  
LYS CE   C N N 43  
LYS NZ   N N N 44  
LYS OXT  O N N 45  
LYS H    H N N 46  
LYS H2   H N N 47  
LYS HA   H N N 48  
LYS HB2  H N N 49  
LYS HB3  H N N 50  
LYS HG2  H N N 51  
LYS HG3  H N N 52  
LYS HD2  H N N 53  
LYS HD3  H N N 54  
LYS HE2  H N N 55  
LYS HE3  H N N 56  
LYS HZ1  H N N 57  
LYS HZ2  H N N 58  
LYS HZ3  H N N 59  
LYS HXT  H N N 60  
SER N    N N N 61  
SER CA   C N S 62  
SER C    C N N 63  
SER O    O N N 64  
SER CB   C N N 65  
SER OG   O N N 66  
SER OXT  O N N 67  
SER H    H N N 68  
SER H2   H N N 69  
SER HA   H N N 70  
SER HB2  H N N 71  
SER HB3  H N N 72  
SER HG   H N N 73  
SER HXT  H N N 74  
TFA C1   C N N 75  
TFA C2   C N N 76  
TFA O    O N N 77  
TFA F1   F N N 78  
TFA F2   F N N 79  
TFA F3   F N N 80  
TFA OXT  O N N 81  
TFA HXT  H N N 82  
TRP N    N N N 83  
TRP CA   C N S 84  
TRP C    C N N 85  
TRP O    O N N 86  
TRP CB   C N N 87  
TRP CG   C Y N 88  
TRP CD1  C Y N 89  
TRP CD2  C Y N 90  
TRP NE1  N Y N 91  
TRP CE2  C Y N 92  
TRP CE3  C Y N 93  
TRP CZ2  C Y N 94  
TRP CZ3  C Y N 95  
TRP CH2  C Y N 96  
TRP OXT  O N N 97  
TRP H    H N N 98  
TRP H2   H N N 99  
TRP HA   H N N 100 
TRP HB2  H N N 101 
TRP HB3  H N N 102 
TRP HD1  H N N 103 
TRP HE1  H N N 104 
TRP HE3  H N N 105 
TRP HZ2  H N N 106 
TRP HZ3  H N N 107 
TRP HH2  H N N 108 
TRP HXT  H N N 109 
VAL N    N N N 110 
VAL CA   C N S 111 
VAL C    C N N 112 
VAL O    O N N 113 
VAL CB   C N N 114 
VAL CG1  C N N 115 
VAL CG2  C N N 116 
VAL OXT  O N N 117 
VAL H    H N N 118 
VAL H2   H N N 119 
VAL HA   H N N 120 
VAL HB   H N N 121 
VAL HG11 H N N 122 
VAL HG12 H N N 123 
VAL HG13 H N N 124 
VAL HG21 H N N 125 
VAL HG22 H N N 126 
VAL HG23 H N N 127 
VAL HXT  H N N 128 
# 
loop_
_chem_comp_bond.comp_id 
_chem_comp_bond.atom_id_1 
_chem_comp_bond.atom_id_2 
_chem_comp_bond.value_order 
_chem_comp_bond.pdbx_aromatic_flag 
_chem_comp_bond.pdbx_stereo_config 
_chem_comp_bond.pdbx_ordinal 
GLY N   CA   sing N N 1   
GLY N   H    sing N N 2   
GLY N   H2   sing N N 3   
GLY CA  C    sing N N 4   
GLY CA  HA2  sing N N 5   
GLY CA  HA3  sing N N 6   
GLY C   O    doub N N 7   
GLY C   OXT  sing N N 8   
GLY OXT HXT  sing N N 9   
HOH O   H1   sing N N 10  
HOH O   H2   sing N N 11  
ILE N   CA   sing N N 12  
ILE N   H    sing N N 13  
ILE N   H2   sing N N 14  
ILE CA  C    sing N N 15  
ILE CA  CB   sing N N 16  
ILE CA  HA   sing N N 17  
ILE C   O    doub N N 18  
ILE C   OXT  sing N N 19  
ILE CB  CG1  sing N N 20  
ILE CB  CG2  sing N N 21  
ILE CB  HB   sing N N 22  
ILE CG1 CD1  sing N N 23  
ILE CG1 HG12 sing N N 24  
ILE CG1 HG13 sing N N 25  
ILE CG2 HG21 sing N N 26  
ILE CG2 HG22 sing N N 27  
ILE CG2 HG23 sing N N 28  
ILE CD1 HD11 sing N N 29  
ILE CD1 HD12 sing N N 30  
ILE CD1 HD13 sing N N 31  
ILE OXT HXT  sing N N 32  
LYS N   CA   sing N N 33  
LYS N   H    sing N N 34  
LYS N   H2   sing N N 35  
LYS CA  C    sing N N 36  
LYS CA  CB   sing N N 37  
LYS CA  HA   sing N N 38  
LYS C   O    doub N N 39  
LYS C   OXT  sing N N 40  
LYS CB  CG   sing N N 41  
LYS CB  HB2  sing N N 42  
LYS CB  HB3  sing N N 43  
LYS CG  CD   sing N N 44  
LYS CG  HG2  sing N N 45  
LYS CG  HG3  sing N N 46  
LYS CD  CE   sing N N 47  
LYS CD  HD2  sing N N 48  
LYS CD  HD3  sing N N 49  
LYS CE  NZ   sing N N 50  
LYS CE  HE2  sing N N 51  
LYS CE  HE3  sing N N 52  
LYS NZ  HZ1  sing N N 53  
LYS NZ  HZ2  sing N N 54  
LYS NZ  HZ3  sing N N 55  
LYS OXT HXT  sing N N 56  
SER N   CA   sing N N 57  
SER N   H    sing N N 58  
SER N   H2   sing N N 59  
SER CA  C    sing N N 60  
SER CA  CB   sing N N 61  
SER CA  HA   sing N N 62  
SER C   O    doub N N 63  
SER C   OXT  sing N N 64  
SER CB  OG   sing N N 65  
SER CB  HB2  sing N N 66  
SER CB  HB3  sing N N 67  
SER OG  HG   sing N N 68  
SER OXT HXT  sing N N 69  
TFA C1  C2   sing N N 70  
TFA C1  O    doub N N 71  
TFA C1  OXT  sing N N 72  
TFA C2  F1   sing N N 73  
TFA C2  F2   sing N N 74  
TFA C2  F3   sing N N 75  
TFA OXT HXT  sing N N 76  
TRP N   CA   sing N N 77  
TRP N   H    sing N N 78  
TRP N   H2   sing N N 79  
TRP CA  C    sing N N 80  
TRP CA  CB   sing N N 81  
TRP CA  HA   sing N N 82  
TRP C   O    doub N N 83  
TRP C   OXT  sing N N 84  
TRP CB  CG   sing N N 85  
TRP CB  HB2  sing N N 86  
TRP CB  HB3  sing N N 87  
TRP CG  CD1  doub Y N 88  
TRP CG  CD2  sing Y N 89  
TRP CD1 NE1  sing Y N 90  
TRP CD1 HD1  sing N N 91  
TRP CD2 CE2  doub Y N 92  
TRP CD2 CE3  sing Y N 93  
TRP NE1 CE2  sing Y N 94  
TRP NE1 HE1  sing N N 95  
TRP CE2 CZ2  sing Y N 96  
TRP CE3 CZ3  doub Y N 97  
TRP CE3 HE3  sing N N 98  
TRP CZ2 CH2  doub Y N 99  
TRP CZ2 HZ2  sing N N 100 
TRP CZ3 CH2  sing Y N 101 
TRP CZ3 HZ3  sing N N 102 
TRP CH2 HH2  sing N N 103 
TRP OXT HXT  sing N N 104 
VAL N   CA   sing N N 105 
VAL N   H    sing N N 106 
VAL N   H2   sing N N 107 
VAL CA  C    sing N N 108 
VAL CA  CB   sing N N 109 
VAL CA  HA   sing N N 110 
VAL C   O    doub N N 111 
VAL C   OXT  sing N N 112 
VAL CB  CG1  sing N N 113 
VAL CB  CG2  sing N N 114 
VAL CB  HB   sing N N 115 
VAL CG1 HG11 sing N N 116 
VAL CG1 HG12 sing N N 117 
VAL CG1 HG13 sing N N 118 
VAL CG2 HG21 sing N N 119 
VAL CG2 HG22 sing N N 120 
VAL CG2 HG23 sing N N 121 
VAL OXT HXT  sing N N 122 
# 
loop_
_pdbx_audit_support.funding_organization 
_pdbx_audit_support.country 
_pdbx_audit_support.grant_number 
_pdbx_audit_support.ordinal 
'National Institutes of Health/National Institute on Aging (NIH/NIA)' 'United States' AG054022 1 
'Howard Hughes Medical Institute (HHMI)'                              'United States' ?        2 
# 
_pdbx_initial_refinement_model.accession_code   ? 
_pdbx_initial_refinement_model.id               1 
_pdbx_initial_refinement_model.entity_id_list   ? 
_pdbx_initial_refinement_model.type             'in silico model' 
_pdbx_initial_refinement_model.source_name      Other 
_pdbx_initial_refinement_model.details          'two antiparallel beta strands' 
# 
_atom_sites.entry_id                    5WMJ 
_atom_sites.fract_transf_matrix[1][1]   0.10116578 
_atom_sites.fract_transf_matrix[1][2]   0.02327932 
_atom_sites.fract_transf_matrix[1][3]   0.01618647 
_atom_sites.fract_transf_matrix[2][1]   -0.00535429 
_atom_sites.fract_transf_matrix[2][2]   0.04145286 
_atom_sites.fract_transf_matrix[2][3]   -0.02615291 
_atom_sites.fract_transf_matrix[3][1]   -0.00558323 
_atom_sites.fract_transf_matrix[3][2]   0.01116436 
_atom_sites.fract_transf_matrix[3][3]   0.01883878 
_atom_sites.fract_transf_vector[1]      -0.070126 
_atom_sites.fract_transf_vector[2]      -0.520433 
_atom_sites.fract_transf_vector[3]      -0.002389 
# 
loop_
_atom_type.symbol 
C 
F 
N 
O 
# 
loop_
_atom_site.group_PDB 
_atom_site.id 
_atom_site.type_symbol 
_atom_site.label_atom_id 
_atom_site.label_alt_id 
_atom_site.label_comp_id 
_atom_site.label_asym_id 
_atom_site.label_entity_id 
_atom_site.label_seq_id 
_atom_site.pdbx_PDB_ins_code 
_atom_site.Cartn_x 
_atom_site.Cartn_y 
_atom_site.Cartn_z 
_atom_site.occupancy 
_atom_site.B_iso_or_equiv 
_atom_site.pdbx_formal_charge 
_atom_site.auth_seq_id 
_atom_site.auth_comp_id 
_atom_site.auth_asym_id 
_atom_site.auth_atom_id 
_atom_site.pdbx_PDB_model_num 
ATOM   1   N N   . LYS A 1 1 ? -1.975 12.038  3.171   1.00 3.20  ? 1   LYS A N   1 
ATOM   2   C CA  . LYS A 1 1 ? -1.175 10.739  2.992   1.00 3.17  ? 1   LYS A CA  1 
ATOM   3   C C   . LYS A 1 1 ? -1.524 10.160  1.654   1.00 3.41  ? 1   LYS A C   1 
ATOM   4   O O   . LYS A 1 1 ? -2.708 9.970   1.356   1.00 3.34  ? 1   LYS A O   1 
ATOM   5   C CB  . LYS A 1 1 ? -1.584 9.758   4.092   1.00 3.67  ? 1   LYS A CB  1 
ATOM   6   C CG  . LYS A 1 1 ? -1.069 8.314   3.886   1.00 4.32  ? 1   LYS A CG  1 
ATOM   7   C CD  . LYS A 1 1 ? -1.377 7.464   5.130   1.00 4.93  ? 1   LYS A CD  1 
ATOM   8   C CE  . LYS A 1 1 ? -1.379 6.017   4.717   1.00 6.16  ? 1   LYS A CE  1 
ATOM   9   N NZ  . LYS A 1 1 ? -1.409 5.132   5.913   1.00 6.76  ? 1   LYS A NZ  1 
ATOM   10  N N   . VAL A 1 2 ? -0.520 9.865   0.836   1.00 2.84  ? 2   VAL A N   1 
ATOM   11  C CA  . VAL A 1 2 ? -0.755 9.148   -0.421  1.00 2.81  ? 2   VAL A CA  1 
ATOM   12  C C   . VAL A 1 2 ? 0.367  8.166   -0.614  1.00 3.04  ? 2   VAL A C   1 
ATOM   13  O O   . VAL A 1 2 ? 1.507  8.344   -0.162  1.00 3.28  ? 2   VAL A O   1 
ATOM   14  C CB  . VAL A 1 2 ? -0.819 10.125  -1.610  1.00 3.61  ? 2   VAL A CB  1 
ATOM   15  C CG1 . VAL A 1 2 ? 0.380  11.048  -1.695  1.00 4.53  ? 2   VAL A CG1 1 
ATOM   16  C CG2 . VAL A 1 2 ? -1.075 9.333   -2.876  1.00 3.55  ? 2   VAL A CG2 1 
ATOM   17  N N   . TRP A 1 3 ? 0.006  7.030   -1.178  1.00 3.04  ? 3   TRP A N   1 
ATOM   18  C CA  . TRP A 1 3 ? 1.035  5.991   -1.446  1.00 3.27  ? 3   TRP A CA  1 
ATOM   19  C C   . TRP A 1 3 ? 0.523  5.131   -2.621  1.00 4.55  ? 3   TRP A C   1 
ATOM   20  O O   . TRP A 1 3 ? -0.660 5.143   -3.008  1.00 3.86  ? 3   TRP A O   1 
ATOM   21  C CB  . TRP A 1 3 ? 1.269  5.068   -0.190  1.00 3.76  ? 3   TRP A CB  1 
ATOM   22  C CG  . TRP A 1 3 ? 0.052  4.331   0.217   1.00 4.38  ? 3   TRP A CG  1 
ATOM   23  C CD1 . TRP A 1 3 ? -1.021 4.776   0.935   1.00 4.69  ? 3   TRP A CD1 1 
ATOM   24  C CD2 . TRP A 1 3 ? -0.232 3.002   -0.155  1.00 5.99  ? 3   TRP A CD2 1 
ATOM   25  N NE1 . TRP A 1 3 ? -1.937 3.778   1.039   1.00 5.76  ? 3   TRP A NE1 1 
ATOM   26  C CE2 . TRP A 1 3 ? -1.462 2.662   0.386   1.00 6.85  ? 3   TRP A CE2 1 
ATOM   27  C CE3 . TRP A 1 3 ? 0.501  2.028   -0.828  1.00 8.84  ? 3   TRP A CE3 1 
ATOM   28  C CZ2 . TRP A 1 3 ? -2.034 1.386   0.186   1.00 9.29  ? 3   TRP A CZ2 1 
ATOM   29  C CZ3 . TRP A 1 3 ? -0.057 0.728   -0.997  1.00 10.82 ? 3   TRP A CZ3 1 
ATOM   30  C CH2 . TRP A 1 3 ? -1.302 0.441   -0.468  1.00 11.06 ? 3   TRP A CH2 1 
ATOM   31  N N   . GLY A 1 4 ? 1.494  4.415   -3.236  1.00 3.07  ? 4   GLY A N   1 
ATOM   32  C CA  . GLY A 1 4 ? 1.138  3.523   -4.335  1.00 3.22  ? 4   GLY A CA  1 
ATOM   33  C C   . GLY A 1 4 ? 2.230  2.465   -4.485  1.00 3.26  ? 4   GLY A C   1 
ATOM   34  O O   . GLY A 1 4 ? 3.393  2.665   -4.090  1.00 3.26  ? 4   GLY A O   1 
ATOM   35  N N   . SER A 1 5 ? 1.787  1.318   -4.952  1.00 3.05  ? 5   SER A N   1 
ATOM   36  C CA  . SER A 1 5 ? 2.687  0.192   -5.221  1.00 3.39  ? 5   SER A CA  1 
ATOM   37  C C   . SER A 1 5 ? 2.233  -0.368  -6.577  1.00 3.82  ? 5   SER A C   1 
ATOM   38  O O   . SER A 1 5 ? 1.083  -0.799  -6.743  1.00 3.63  ? 5   SER A O   1 
ATOM   39  C CB  . SER A 1 5 ? 2.507  -0.870  -4.128  1.00 3.87  ? 5   SER A CB  1 
ATOM   40  O OG  . SER A 1 5 ? 3.158  -2.124  -4.446  1.00 6.18  ? 5   SER A OG  1 
ATOM   41  N N   . ILE A 1 6 ? 3.189  -0.510  -7.499  1.00 4.64  ? 6   ILE A N   1 
ATOM   42  C CA  . ILE A 1 6 ? 2.880  -1.018  -8.830  1.00 6.12  ? 6   ILE A CA  1 
ATOM   43  C C   . ILE A 1 6 ? 4.015  -1.847  -9.369  1.00 8.93  ? 6   ILE A C   1 
ATOM   44  O O   . ILE A 1 6 ? 5.132  -1.799  -8.862  1.00 6.77  ? 6   ILE A O   1 
ATOM   45  C CB  . ILE A 1 6 ? 2.580  0.192   -9.728  1.00 7.11  ? 6   ILE A CB  1 
ATOM   46  C CG1 . ILE A 1 6 ? 2.118  -0.257  -11.107 1.00 9.11  ? 6   ILE A CG1 1 
ATOM   47  C CG2 . ILE A 1 6 ? 3.774  1.115   -9.862  1.00 8.87  ? 6   ILE A CG2 1 
ATOM   48  C CD1 . ILE A 1 6 ? 1.573  0.890   -11.909 1.00 11.39 ? 6   ILE A CD1 1 
ATOM   49  O OXT . ILE A 1 6 ? 3.759  -2.670  -10.294 1.00 7.62  ? 6   ILE A OXT 1 
ATOM   50  N N   . LYS B 1 1 ? 1.480  -11.291 -3.512  1.00 4.05  ? 1   LYS B N   1 
ATOM   51  C CA  . LYS B 1 1 ? 1.725  -9.902  -2.996  1.00 3.81  ? 1   LYS B CA  1 
ATOM   52  C C   . LYS B 1 1 ? 0.671  -9.659  -1.882  1.00 4.18  ? 1   LYS B C   1 
ATOM   53  O O   . LYS B 1 1 ? -0.480 -10.065 -2.053  1.00 4.21  ? 1   LYS B O   1 
ATOM   54  C CB  . LYS B 1 1 ? 1.493  -8.967  -4.195  1.00 4.34  ? 1   LYS B CB  1 
ATOM   55  C CG  . LYS B 1 1 ? 1.414  -7.499  -3.784  1.00 5.27  ? 1   LYS B CG  1 
ATOM   56  C CD  . LYS B 1 1 ? 1.495  -6.608  -4.983  1.00 5.40  ? 1   LYS B CD  1 
ATOM   57  C CE  . LYS B 1 1 ? 1.606  -5.170  -4.520  1.00 5.66  ? 1   LYS B CE  1 
ATOM   58  N NZ  . LYS B 1 1 ? 1.531  -4.214  -5.673  1.00 6.76  ? 1   LYS B NZ  1 
ATOM   59  N N   . VAL B 1 2 ? 1.093  -8.962  -0.833  1.00 3.06  ? 2   VAL B N   1 
ATOM   60  C CA  . VAL B 1 2 ? 0.154  -8.526  0.160   1.00 3.14  ? 2   VAL B CA  1 
ATOM   61  C C   . VAL B 1 2 ? 0.533  -7.106  0.477   1.00 2.85  ? 2   VAL B C   1 
ATOM   62  O O   . VAL B 1 2 ? 1.657  -6.670  0.297   1.00 2.76  ? 2   VAL B O   1 
ATOM   63  C CB  . VAL B 1 2 ? 0.167  -9.391  1.454   1.00 3.84  ? 2   VAL B CB  1 
ATOM   64  C CG1 . VAL B 1 2 ? -0.186 -10.831 1.191   1.00 4.40  ? 2   VAL B CG1 1 
ATOM   65  C CG2 . VAL B 1 2 ? 1.415  -9.333  2.178   1.00 5.50  ? 2   VAL B CG2 1 
ATOM   66  N N   . TRP B 1 3 ? -0.476 -6.300  0.785   1.00 2.46  ? 3   TRP B N   1 
ATOM   67  C CA  A TRP B 1 3 ? -0.199 -4.873  1.156   0.50 3.01  ? 3   TRP B CA  1 
ATOM   68  C CA  B TRP B 1 3 ? -0.222 -4.862  1.144   0.50 2.73  ? 3   TRP B CA  1 
ATOM   69  C C   . TRP B 1 3 ? -1.218 -4.474  2.212   1.00 3.32  ? 3   TRP B C   1 
ATOM   70  O O   . TRP B 1 3 ? -2.331 -5.084  2.390   1.00 2.54  ? 3   TRP B O   1 
ATOM   71  C CB  A TRP B 1 3 ? -0.288 -3.924  -0.065  0.50 3.89  ? 3   TRP B CB  1 
ATOM   72  C CB  B TRP B 1 3 ? -0.430 -3.918  -0.055  0.50 3.05  ? 3   TRP B CB  1 
ATOM   73  C CG  A TRP B 1 3 ? -1.476 -4.135  -0.883  0.50 4.47  ? 3   TRP B CG  1 
ATOM   74  C CG  B TRP B 1 3 ? -1.819 -3.846  -0.524  0.50 3.10  ? 3   TRP B CG  1 
ATOM   75  C CD1 A TRP B 1 3 ? -1.582 -4.994  -1.931  0.50 5.08  ? 3   TRP B CD1 1 
ATOM   76  C CD1 B TRP B 1 3 ? -2.837 -3.001  -0.109  0.50 3.24  ? 3   TRP B CD1 1 
ATOM   77  C CD2 A TRP B 1 3 ? -2.788 -3.576  -0.685  0.50 5.96  ? 3   TRP B CD2 1 
ATOM   78  C CD2 B TRP B 1 3 ? -2.391 -4.648  -1.570  0.50 3.48  ? 3   TRP B CD2 1 
ATOM   79  N NE1 A TRP B 1 3 ? -2.888 -4.990  -2.423  0.50 5.21  ? 3   TRP B NE1 1 
ATOM   80  N NE1 B TRP B 1 3 ? -4.010 -3.280  -0.803  0.50 3.50  ? 3   TRP B NE1 1 
ATOM   81  C CE2 A TRP B 1 3 ? -3.632 -4.130  -1.664  0.50 5.75  ? 3   TRP B CE2 1 
ATOM   82  C CE2 B TRP B 1 3 ? -3.756 -4.294  -1.692  0.50 3.50  ? 3   TRP B CE2 1 
ATOM   83  C CE3 A TRP B 1 3 ? -3.317 -2.646  0.202   0.50 6.27  ? 3   TRP B CE3 1 
ATOM   84  C CE3 B TRP B 1 3 ? -1.887 -5.690  -2.380  0.50 3.55  ? 3   TRP B CE3 1 
ATOM   85  C CZ2 A TRP B 1 3 ? -4.949 -3.765  -1.785  0.50 6.04  ? 3   TRP B CZ2 1 
ATOM   86  C CZ2 B TRP B 1 3 ? -4.587 -4.879  -2.637  0.50 3.57  ? 3   TRP B CZ2 1 
ATOM   87  C CZ3 A TRP B 1 3 ? -4.635 -2.298  0.094   0.50 6.25  ? 3   TRP B CZ3 1 
ATOM   88  C CZ3 B TRP B 1 3 ? -2.728 -6.300  -3.287  0.50 3.37  ? 3   TRP B CZ3 1 
ATOM   89  C CH2 A TRP B 1 3 ? -5.438 -2.856  -0.903  0.50 6.06  ? 3   TRP B CH2 1 
ATOM   90  C CH2 B TRP B 1 3 ? -4.060 -5.885  -3.421  0.50 3.82  ? 3   TRP B CH2 1 
ATOM   91  N N   . GLY B 1 4 ? -0.853 -3.407  2.926   1.00 2.41  ? 4   GLY B N   1 
ATOM   92  C CA  . GLY B 1 4 ? -1.807 -2.826  3.868   1.00 2.65  ? 4   GLY B CA  1 
ATOM   93  C C   . GLY B 1 4 ? -1.375 -1.405  4.222   1.00 2.59  ? 4   GLY B C   1 
ATOM   94  O O   . GLY B 1 4 ? -0.239 -1.008  4.076   1.00 3.09  ? 4   GLY B O   1 
ATOM   95  N N   . SER B 1 5 ? -2.367 -0.665  4.714   1.00 2.43  ? 5   SER B N   1 
ATOM   96  C CA  . SER B 1 5 ? -2.149 0.684   5.205   1.00 3.58  ? 5   SER B CA  1 
ATOM   97  C C   . SER B 1 5 ? -3.042 0.861   6.427   1.00 3.55  ? 5   SER B C   1 
ATOM   98  O O   . SER B 1 5 ? -4.233 0.442   6.375   1.00 4.12  ? 5   SER B O   1 
ATOM   99  C CB  . SER B 1 5 ? -2.544 1.622   4.103   1.00 4.03  ? 5   SER B CB  1 
ATOM   100 O OG  . SER B 1 5 ? -2.524 2.973   4.590   1.00 7.11  ? 5   SER B OG  1 
ATOM   101 N N   . ILE B 1 6 ? -2.503 1.409   7.520   1.00 3.88  ? 6   ILE B N   1 
ATOM   102 C CA  . ILE B 1 6 ? -3.313 1.730   8.723   1.00 6.09  ? 6   ILE B CA  1 
ATOM   103 C C   . ILE B 1 6 ? -3.008 3.145   9.235   1.00 7.49  ? 6   ILE B C   1 
ATOM   104 O O   . ILE B 1 6 ? -2.027 3.796   8.827   1.00 7.55  ? 6   ILE B O   1 
ATOM   105 C CB  . ILE B 1 6 ? -3.077 0.769   9.918   1.00 6.61  ? 6   ILE B CB  1 
ATOM   106 C CG1 . ILE B 1 6 ? -1.636 0.770   10.326  1.00 7.31  ? 6   ILE B CG1 1 
ATOM   107 C CG2 . ILE B 1 6 ? -3.519 -0.636  9.596   1.00 9.46  ? 6   ILE B CG2 1 
ATOM   108 C CD1 . ILE B 1 6 ? -1.430 0.001   11.636  1.00 9.12  ? 6   ILE B CD1 1 
ATOM   109 O OXT . ILE B 1 6 ? -3.865 3.650   10.016  1.00 9.98  ? 6   ILE B OXT 1 
HETATM 110 C C1  . TFA C 2 . ? -5.335 4.294   3.247   1.00 12.83 ? 101 TFA B C1  1 
HETATM 111 C C2  . TFA C 2 . ? -6.179 4.602   2.017   1.00 13.55 ? 101 TFA B C2  1 
HETATM 112 O O   . TFA C 2 . ? -5.897 4.001   4.367   1.00 12.70 ? 101 TFA B O   1 
HETATM 113 F F1  . TFA C 2 . ? -7.438 4.489   2.293   1.00 12.01 ? 101 TFA B F1  1 
HETATM 114 F F2  . TFA C 2 . ? -5.931 5.800   1.452   1.00 13.25 ? 101 TFA B F2  1 
HETATM 115 F F3  . TFA C 2 . ? -5.873 3.693   1.087   1.00 12.57 ? 101 TFA B F3  1 
HETATM 116 O OXT . TFA C 2 . ? -4.059 4.264   3.024   1.00 11.18 ? 101 TFA B OXT 1 
HETATM 117 O O   . HOH D 3 . ? -4.277 5.177   6.566   1.00 24.82 ? 101 HOH A O   1 
HETATM 118 O O   A HOH D 3 . ? 6.096  -2.722  -4.696  0.50 4.50  ? 102 HOH A O   1 
HETATM 119 O O   B HOH D 3 . ? 8.015  -2.320  -5.253  0.50 2.08  ? 102 HOH A O   1 
HETATM 120 O O   . HOH E 3 . ? -5.764 4.541   8.864   1.00 17.49 ? 201 HOH B O   1 
HETATM 121 O O   . HOH E 3 . ? -1.775 6.350   8.641   1.00 22.41 ? 202 HOH B O   1 
HETATM 122 O O   . HOH E 3 . ? -8.217 3.775   5.552   1.00 12.45 ? 203 HOH B O   1 
HETATM 123 O O   . HOH E 3 . ? 3.449  -5.098  -7.530  1.00 26.04 ? 204 HOH B O   1 
# 
